data_5HM4
#
_entry.id   5HM4
#
_cell.length_a   51.256
_cell.length_b   65.795
_cell.length_c   185.658
_cell.angle_alpha   90.00
_cell.angle_beta   90.00
_cell.angle_gamma   90.00
#
_symmetry.space_group_name_H-M   'P 21 2 21'
#
loop_
_entity.id
_entity.type
_entity.pdbx_description
1 polymer 'Mannoside ABC transport system, sugar-binding protein'
2 non-polymer 'CALCIUM ION'
3 water water
#
_entity_poly.entity_id   1
_entity_poly.type   'polypeptide(L)'
_entity_poly.pdbx_seq_one_letter_code
;MVLERNETMYYGGSLWSPPSNWNPFTPWNAVPGTTGLVYETMFFYDPLTGNFDPWLAEKGEWLDSKTYRVVLREGIYWHD
NVPLTSEDVRFTFEIAKKYKGIHYSSVWEWLDHIETPDNRTVIFVFKDPRYHEWNELLYTLPIVPKHIWEEKDETTILQS
SNEYPLGSGPYVAHSWDQNKMIFERFENWWGTKVMGVKPAPKYVVIVRVLSNNVALGMLMKGELDFSNFMLPGVPILKKV
YNLNTWYDEPPYHLSSTVVGLFLNARKYPLSLPEFRRAIAMSINADPIVQRVYEGAVLKADPLGFLPNSVWMKYYPKEVV
EKHGFKYDPEEAKSILDKLGFRDVNGDGFRETPDGKPIKLTIECPYGWTDWMQAIQVIVDQLKVVGINAEPYFPDSSKYY
ENMYKGEFDIEMNANGTGISSTPWTYFNTIFYPDALESEFSYTGNYGRYQNPEVESLLEELNRTPLDNVEKVTELCGKLG
EILLKDLPFIPLWYGAMAFITQDNVWTNWPNEHNPYAWPCGWANWWQTGALKILFNLKPAKHHHHHH
;
_entity_poly.pdbx_strand_id   B
#
loop_
_chem_comp.id
_chem_comp.type
_chem_comp.name
_chem_comp.formula
CA non-polymer 'CALCIUM ION' 'Ca 2'
#
# COMPACT_ATOMS: atom_id res chain seq x y z
N VAL A 2 -22.78 -26.40 6.81
CA VAL A 2 -23.48 -25.14 6.67
C VAL A 2 -23.06 -24.18 7.77
N LEU A 3 -22.92 -22.90 7.40
CA LEU A 3 -22.51 -21.85 8.32
C LEU A 3 -23.73 -21.04 8.71
N GLU A 4 -24.02 -20.96 10.01
CA GLU A 4 -25.10 -20.11 10.47
C GLU A 4 -24.79 -18.66 10.13
N ARG A 5 -25.70 -18.02 9.39
CA ARG A 5 -25.43 -16.69 8.85
C ARG A 5 -25.08 -15.69 9.95
N ASN A 6 -25.77 -15.76 11.09
CA ASN A 6 -25.59 -14.76 12.13
C ASN A 6 -24.26 -14.91 12.88
N GLU A 7 -23.52 -16.00 12.65
CA GLU A 7 -22.18 -16.13 13.22
C GLU A 7 -21.10 -16.11 12.15
N THR A 8 -21.43 -15.70 10.92
CA THR A 8 -20.51 -15.65 9.81
C THR A 8 -20.39 -14.23 9.28
N MET A 9 -19.16 -13.79 9.04
CA MET A 9 -18.87 -12.49 8.45
C MET A 9 -18.27 -12.71 7.07
N TYR A 10 -18.97 -12.22 6.04
CA TYR A 10 -18.53 -12.40 4.67
C TYR A 10 -17.73 -11.19 4.21
N TYR A 11 -16.48 -11.43 3.83
CA TYR A 11 -15.61 -10.38 3.31
C TYR A 11 -15.33 -10.64 1.83
N GLY A 12 -15.14 -9.54 1.09
CA GLY A 12 -14.72 -9.65 -0.29
C GLY A 12 -13.92 -8.43 -0.72
N GLY A 13 -13.11 -8.62 -1.75
CA GLY A 13 -12.40 -7.52 -2.37
C GLY A 13 -10.95 -7.78 -2.74
N SER A 14 -10.36 -8.84 -2.18
CA SER A 14 -8.93 -9.08 -2.34
C SER A 14 -8.58 -10.49 -2.78
N LEU A 15 -9.55 -11.33 -3.08
CA LEU A 15 -9.31 -12.70 -3.51
C LEU A 15 -9.77 -12.84 -4.96
N TRP A 16 -8.81 -12.94 -5.87
CA TRP A 16 -9.10 -12.90 -7.31
C TRP A 16 -8.64 -14.17 -8.03
N SER A 17 -8.42 -15.25 -7.29
CA SER A 17 -8.03 -16.54 -7.84
C SER A 17 -8.45 -17.61 -6.85
N PRO A 18 -8.57 -18.87 -7.28
CA PRO A 18 -8.98 -19.93 -6.35
C PRO A 18 -8.02 -20.03 -5.18
N PRO A 19 -8.53 -20.15 -3.95
CA PRO A 19 -7.66 -20.41 -2.81
C PRO A 19 -6.72 -21.57 -3.10
N SER A 20 -5.43 -21.36 -2.90
N SER A 20 -5.43 -21.34 -2.91
CA SER A 20 -4.47 -22.40 -3.27
CA SER A 20 -4.42 -22.24 -3.43
C SER A 20 -3.15 -22.29 -2.53
C SER A 20 -3.15 -22.24 -2.59
N ASN A 21 -2.95 -21.19 -1.78
CA ASN A 21 -1.71 -21.01 -1.04
C ASN A 21 -1.99 -20.42 0.33
N TRP A 22 -1.33 -20.99 1.34
CA TRP A 22 -1.45 -20.52 2.72
C TRP A 22 -0.07 -20.41 3.36
N ASN A 23 0.94 -20.09 2.55
CA ASN A 23 2.34 -20.09 2.99
C ASN A 23 2.69 -18.72 3.57
N PRO A 24 3.11 -18.65 4.84
CA PRO A 24 3.42 -17.35 5.44
C PRO A 24 4.63 -16.66 4.83
N PHE A 25 5.51 -17.40 4.17
CA PHE A 25 6.69 -16.79 3.56
C PHE A 25 6.38 -16.08 2.25
N THR A 26 5.17 -16.24 1.71
CA THR A 26 4.67 -15.45 0.59
C THR A 26 3.35 -14.82 1.01
N PRO A 27 3.39 -13.90 1.99
CA PRO A 27 2.15 -13.47 2.64
C PRO A 27 1.23 -12.62 1.77
N TRP A 28 1.72 -12.03 0.68
CA TRP A 28 0.86 -11.34 -0.25
C TRP A 28 0.27 -12.28 -1.30
N ASN A 29 0.83 -13.46 -1.45
CA ASN A 29 0.26 -14.49 -2.33
C ASN A 29 -0.65 -15.45 -1.58
N ALA A 30 -0.41 -15.67 -0.29
CA ALA A 30 -1.29 -16.51 0.50
C ALA A 30 -2.68 -15.91 0.56
N VAL A 31 -3.68 -16.78 0.69
CA VAL A 31 -5.09 -16.40 0.76
C VAL A 31 -5.25 -15.31 1.81
N PRO A 32 -5.97 -14.23 1.51
CA PRO A 32 -6.13 -13.15 2.48
C PRO A 32 -6.67 -13.67 3.81
N GLY A 33 -6.05 -13.23 4.89
CA GLY A 33 -6.35 -13.70 6.22
C GLY A 33 -5.37 -14.74 6.75
N THR A 34 -4.61 -15.39 5.86
CA THR A 34 -3.60 -16.35 6.29
C THR A 34 -2.66 -15.73 7.31
N THR A 35 -2.02 -14.63 6.94
CA THR A 35 -1.42 -13.75 7.94
C THR A 35 -2.50 -12.84 8.49
N GLY A 36 -2.43 -12.59 9.79
CA GLY A 36 -3.48 -11.81 10.44
C GLY A 36 -4.45 -12.66 11.24
N LEU A 37 -5.07 -13.64 10.58
CA LEU A 37 -6.03 -14.49 11.28
C LEU A 37 -5.40 -15.79 11.78
N VAL A 38 -4.49 -16.38 11.02
CA VAL A 38 -3.81 -17.61 11.43
C VAL A 38 -2.41 -17.31 11.99
N TYR A 39 -1.60 -16.60 11.22
CA TYR A 39 -0.28 -16.17 11.68
C TYR A 39 -0.37 -14.74 12.21
N GLU A 40 0.33 -14.51 13.32
CA GLU A 40 0.31 -13.21 13.99
C GLU A 40 1.65 -12.50 13.81
N THR A 41 1.63 -11.20 14.06
CA THR A 41 2.80 -10.35 13.96
C THR A 41 3.16 -9.84 15.35
N MET A 42 4.36 -9.24 15.45
CA MET A 42 4.79 -8.72 16.75
C MET A 42 3.94 -7.54 17.18
N PHE A 43 3.51 -6.70 16.23
CA PHE A 43 2.71 -5.52 16.55
C PHE A 43 1.54 -5.39 15.58
N PHE A 44 0.43 -4.88 16.08
CA PHE A 44 -0.55 -4.24 15.22
C PHE A 44 -0.01 -2.88 14.78
N TYR A 45 -0.45 -2.42 13.62
CA TYR A 45 -0.14 -1.07 13.17
C TYR A 45 -1.40 -0.36 12.71
N ASP A 46 -1.51 0.92 13.03
CA ASP A 46 -2.67 1.71 12.62
C ASP A 46 -2.27 2.76 11.60
N PRO A 47 -2.53 2.53 10.31
CA PRO A 47 -2.16 3.54 9.30
C PRO A 47 -2.84 4.89 9.48
N LEU A 48 -3.95 4.96 10.21
CA LEU A 48 -4.64 6.23 10.40
C LEU A 48 -3.86 7.18 11.30
N THR A 49 -3.09 6.65 12.25
CA THR A 49 -2.45 7.44 13.28
C THR A 49 -0.95 7.26 13.39
N GLY A 50 -0.40 6.16 12.89
CA GLY A 50 0.98 5.80 13.13
C GLY A 50 1.22 5.06 14.42
N ASN A 51 0.17 4.68 15.14
CA ASN A 51 0.31 3.99 16.42
C ASN A 51 0.60 2.52 16.19
N PHE A 52 1.63 2.02 16.87
CA PHE A 52 1.87 0.59 16.99
C PHE A 52 1.21 0.11 18.28
N ASP A 53 0.65 -1.10 18.22
CA ASP A 53 0.04 -1.68 19.41
C ASP A 53 0.55 -3.10 19.64
N PRO A 54 0.83 -3.46 20.89
CA PRO A 54 1.49 -4.75 21.16
C PRO A 54 0.59 -5.93 20.85
N TRP A 55 1.11 -6.88 20.06
CA TRP A 55 0.38 -8.10 19.74
C TRP A 55 1.17 -9.26 20.34
N LEU A 56 1.97 -9.98 19.55
CA LEU A 56 2.88 -10.96 20.13
C LEU A 56 3.87 -10.30 21.07
N ALA A 57 4.44 -9.18 20.64
CA ALA A 57 5.29 -8.39 21.51
C ALA A 57 4.46 -7.75 22.61
N GLU A 58 4.96 -7.78 23.84
CA GLU A 58 4.41 -6.93 24.87
C GLU A 58 4.96 -5.52 24.76
N LYS A 59 6.21 -5.39 24.34
CA LYS A 59 6.82 -4.09 24.09
C LYS A 59 8.02 -4.25 23.18
N GLY A 60 8.36 -3.16 22.50
CA GLY A 60 9.57 -3.09 21.71
C GLY A 60 10.15 -1.70 21.80
N GLU A 61 11.48 -1.62 21.79
CA GLU A 61 12.13 -0.35 22.01
C GLU A 61 13.59 -0.45 21.62
N TRP A 62 14.14 0.68 21.18
CA TRP A 62 15.58 0.80 20.94
C TRP A 62 16.28 1.03 22.27
N LEU A 63 17.08 0.05 22.69
CA LEU A 63 17.85 0.23 23.93
C LEU A 63 18.97 1.24 23.72
N ASP A 64 19.59 1.23 22.54
CA ASP A 64 20.48 2.29 22.11
C ASP A 64 20.32 2.42 20.59
N SER A 65 21.22 3.18 19.96
CA SER A 65 21.05 3.46 18.54
C SER A 65 21.16 2.22 17.67
N LYS A 66 21.77 1.14 18.17
CA LYS A 66 22.02 -0.05 17.37
C LYS A 66 21.35 -1.31 17.92
N THR A 67 20.49 -1.19 18.92
CA THR A 67 19.96 -2.35 19.63
C THR A 67 18.47 -2.18 19.86
N TYR A 68 17.68 -3.11 19.33
CA TYR A 68 16.23 -3.12 19.51
C TYR A 68 15.83 -4.38 20.27
N ARG A 69 15.04 -4.21 21.33
CA ARG A 69 14.58 -5.31 22.17
C ARG A 69 13.08 -5.48 22.04
N VAL A 70 12.65 -6.71 21.78
CA VAL A 70 11.25 -7.12 21.89
C VAL A 70 11.13 -8.04 23.08
N VAL A 71 10.15 -7.76 23.94
CA VAL A 71 9.75 -8.67 25.00
C VAL A 71 8.37 -9.20 24.65
N LEU A 72 8.28 -10.51 24.44
CA LEU A 72 7.01 -11.12 24.11
C LEU A 72 6.09 -11.13 25.33
N ARG A 73 4.79 -11.12 25.07
CA ARG A 73 3.84 -11.39 26.13
C ARG A 73 4.07 -12.80 26.67
N GLU A 74 3.65 -13.00 27.91
CA GLU A 74 3.71 -14.31 28.53
C GLU A 74 2.47 -15.12 28.15
N GLY A 75 2.66 -16.41 27.91
CA GLY A 75 1.54 -17.31 27.67
C GLY A 75 1.06 -17.44 26.24
N ILE A 76 1.92 -17.18 25.25
CA ILE A 76 1.56 -17.38 23.85
C ILE A 76 1.85 -18.82 23.47
N TYR A 77 0.98 -19.40 22.64
CA TYR A 77 1.23 -20.76 22.16
C TYR A 77 0.64 -20.93 20.78
N TRP A 78 1.30 -21.78 19.99
CA TRP A 78 0.79 -22.19 18.69
C TRP A 78 -0.47 -23.02 18.90
N HIS A 79 -1.18 -23.28 17.80
CA HIS A 79 -2.45 -23.99 17.88
C HIS A 79 -2.29 -25.42 18.36
N ASP A 80 -1.09 -26.01 18.24
CA ASP A 80 -0.85 -27.35 18.76
C ASP A 80 -0.28 -27.35 20.17
N ASN A 81 -0.39 -26.21 20.88
CA ASN A 81 -0.01 -26.00 22.28
C ASN A 81 1.48 -25.93 22.50
N VAL A 82 2.31 -26.00 21.46
CA VAL A 82 3.72 -25.68 21.63
C VAL A 82 3.84 -24.19 21.98
N PRO A 83 4.61 -23.82 22.98
CA PRO A 83 4.73 -22.40 23.33
C PRO A 83 5.40 -21.62 22.22
N LEU A 84 4.91 -20.39 22.00
CA LEU A 84 5.54 -19.45 21.09
C LEU A 84 6.50 -18.60 21.89
N THR A 85 7.78 -18.63 21.54
CA THR A 85 8.83 -18.01 22.34
C THR A 85 9.72 -17.13 21.48
N SER A 86 10.69 -16.51 22.15
CA SER A 86 11.68 -15.68 21.49
C SER A 86 12.41 -16.43 20.39
N GLU A 87 12.51 -17.76 20.50
CA GLU A 87 13.24 -18.53 19.50
C GLU A 87 12.44 -18.67 18.21
N ASP A 88 11.10 -18.56 18.28
CA ASP A 88 10.31 -18.52 17.05
C ASP A 88 10.56 -17.22 16.30
N VAL A 89 10.67 -16.10 17.03
CA VAL A 89 10.98 -14.82 16.40
C VAL A 89 12.37 -14.87 15.79
N ARG A 90 13.35 -15.35 16.55
CA ARG A 90 14.71 -15.47 16.04
C ARG A 90 14.75 -16.35 14.79
N PHE A 91 14.06 -17.49 14.83
CA PHE A 91 14.01 -18.35 13.65
C PHE A 91 13.39 -17.63 12.47
N THR A 92 12.28 -16.93 12.70
CA THR A 92 11.59 -16.21 11.63
C THR A 92 12.56 -15.32 10.86
N PHE A 93 13.48 -14.67 11.57
CA PHE A 93 14.46 -13.83 10.90
C PHE A 93 15.62 -14.65 10.35
N GLU A 94 16.14 -15.60 11.13
CA GLU A 94 17.35 -16.32 10.72
C GLU A 94 17.11 -17.24 9.54
N ILE A 95 15.88 -17.72 9.33
CA ILE A 95 15.62 -18.58 8.19
C ILE A 95 15.81 -17.80 6.89
N ALA A 96 15.61 -16.48 6.92
CA ALA A 96 15.79 -15.65 5.73
C ALA A 96 17.26 -15.36 5.44
N LYS A 97 18.16 -15.56 6.40
CA LYS A 97 19.58 -15.52 6.07
C LYS A 97 20.01 -16.81 5.39
N LYS A 98 19.44 -17.94 5.82
CA LYS A 98 19.74 -19.22 5.18
C LYS A 98 19.21 -19.25 3.75
N TYR A 99 17.96 -18.82 3.56
CA TYR A 99 17.29 -18.84 2.27
C TYR A 99 16.97 -17.40 1.88
N LYS A 100 17.88 -16.78 1.11
CA LYS A 100 17.74 -15.38 0.79
C LYS A 100 16.68 -15.11 -0.28
N GLY A 101 16.09 -16.16 -0.87
CA GLY A 101 14.91 -15.97 -1.69
C GLY A 101 13.71 -15.48 -0.90
N ILE A 102 13.75 -15.62 0.42
CA ILE A 102 12.70 -15.07 1.27
C ILE A 102 12.68 -13.55 1.15
N HIS A 103 11.47 -12.98 1.10
CA HIS A 103 11.31 -11.61 0.63
C HIS A 103 11.94 -10.56 1.53
N TYR A 104 12.21 -10.88 2.80
CA TYR A 104 12.83 -9.92 3.72
C TYR A 104 14.28 -10.26 4.02
N SER A 105 14.92 -11.07 3.18
CA SER A 105 16.29 -11.48 3.42
C SER A 105 17.27 -10.31 3.45
N SER A 106 16.93 -9.18 2.82
CA SER A 106 17.83 -8.05 2.78
C SER A 106 18.09 -7.46 4.16
N VAL A 107 17.27 -7.81 5.16
CA VAL A 107 17.49 -7.28 6.51
C VAL A 107 18.86 -7.68 7.02
N TRP A 108 19.38 -8.83 6.59
CA TRP A 108 20.68 -9.27 7.05
C TRP A 108 21.83 -8.49 6.45
N GLU A 109 21.55 -7.57 5.53
CA GLU A 109 22.59 -6.64 5.10
C GLU A 109 22.92 -5.63 6.19
N TRP A 110 21.97 -5.34 7.09
CA TRP A 110 22.18 -4.35 8.13
C TRP A 110 21.86 -4.83 9.53
N LEU A 111 21.37 -6.05 9.70
CA LEU A 111 21.21 -6.66 11.02
C LEU A 111 22.40 -7.59 11.27
N ASP A 112 23.01 -7.47 12.45
CA ASP A 112 24.20 -8.28 12.74
C ASP A 112 23.80 -9.66 13.24
N HIS A 113 23.07 -9.73 14.34
CA HIS A 113 22.65 -11.01 14.91
C HIS A 113 21.53 -10.77 15.91
N ILE A 114 20.99 -11.87 16.43
CA ILE A 114 19.84 -11.85 17.32
C ILE A 114 20.17 -12.67 18.57
N GLU A 115 20.00 -12.06 19.73
CA GLU A 115 20.21 -12.72 21.00
C GLU A 115 18.88 -12.99 21.68
N THR A 116 18.80 -14.11 22.39
CA THR A 116 17.60 -14.50 23.12
C THR A 116 18.01 -14.94 24.53
N PRO A 117 18.13 -13.99 25.46
CA PRO A 117 18.55 -14.34 26.82
C PRO A 117 17.51 -15.15 27.60
N ASP A 118 16.24 -15.12 27.21
CA ASP A 118 15.23 -15.97 27.82
C ASP A 118 14.11 -16.20 26.81
N ASN A 119 13.11 -16.99 27.22
CA ASN A 119 12.07 -17.40 26.29
C ASN A 119 11.15 -16.25 25.87
N ARG A 120 11.31 -15.04 26.42
CA ARG A 120 10.46 -13.92 26.06
C ARG A 120 11.21 -12.77 25.40
N THR A 121 12.54 -12.73 25.49
CA THR A 121 13.30 -11.55 25.09
C THR A 121 14.04 -11.82 23.78
N VAL A 122 13.86 -10.91 22.82
CA VAL A 122 14.56 -10.94 21.55
C VAL A 122 15.37 -9.64 21.44
N ILE A 123 16.68 -9.78 21.26
CA ILE A 123 17.58 -8.63 21.14
C ILE A 123 18.12 -8.61 19.72
N PHE A 124 17.76 -7.59 18.96
CA PHE A 124 18.28 -7.39 17.61
C PHE A 124 19.47 -6.43 17.68
N VAL A 125 20.64 -6.88 17.25
CA VAL A 125 21.85 -6.08 17.22
C VAL A 125 22.16 -5.76 15.75
N PHE A 126 22.24 -4.49 15.42
CA PHE A 126 22.31 -4.04 14.03
C PHE A 126 23.72 -3.58 13.66
N LYS A 127 24.13 -3.92 12.42
CA LYS A 127 25.32 -3.30 11.84
C LYS A 127 25.03 -1.86 11.44
N ASP A 128 23.82 -1.63 10.94
CA ASP A 128 23.48 -0.36 10.30
C ASP A 128 21.98 -0.16 10.47
N PRO A 129 21.56 0.38 11.60
CA PRO A 129 20.12 0.45 11.92
C PRO A 129 19.39 1.38 10.96
N ARG A 130 18.48 0.81 10.18
CA ARG A 130 17.64 1.55 9.25
C ARG A 130 16.25 1.62 9.88
N TYR A 131 16.00 2.73 10.59
CA TYR A 131 14.83 2.81 11.46
C TYR A 131 13.53 2.74 10.67
N HIS A 132 13.50 3.31 9.47
CA HIS A 132 12.25 3.36 8.73
C HIS A 132 11.91 2.01 8.11
N GLU A 133 12.91 1.31 7.56
CA GLU A 133 12.67 -0.05 7.10
C GLU A 133 12.32 -0.97 8.27
N TRP A 134 12.95 -0.77 9.43
CA TRP A 134 12.66 -1.61 10.57
C TRP A 134 11.21 -1.46 11.02
N ASN A 135 10.70 -0.24 11.03
CA ASN A 135 9.30 -0.02 11.41
C ASN A 135 8.35 -0.78 10.49
N GLU A 136 8.68 -0.85 9.20
CA GLU A 136 7.84 -1.60 8.28
C GLU A 136 7.87 -3.09 8.58
N LEU A 137 9.04 -3.62 8.95
CA LEU A 137 9.14 -5.05 9.25
C LEU A 137 8.33 -5.41 10.48
N LEU A 138 8.29 -4.52 11.48
CA LEU A 138 7.69 -4.86 12.76
C LEU A 138 6.24 -5.35 12.63
N TYR A 139 5.49 -4.82 11.66
CA TYR A 139 4.10 -5.22 11.51
C TYR A 139 3.80 -6.01 10.24
N THR A 140 4.74 -6.10 9.30
CA THR A 140 4.46 -6.82 8.07
C THR A 140 4.93 -8.28 8.10
N LEU A 141 5.84 -8.64 8.99
CA LEU A 141 6.39 -9.98 9.00
C LEU A 141 5.61 -10.87 9.96
N PRO A 142 4.97 -11.93 9.48
CA PRO A 142 4.37 -12.89 10.41
C PRO A 142 5.44 -13.73 11.09
N ILE A 143 5.17 -14.11 12.33
CA ILE A 143 6.06 -14.98 13.07
C ILE A 143 5.65 -16.43 12.81
N VAL A 144 6.61 -17.27 12.41
CA VAL A 144 6.32 -18.64 12.00
C VAL A 144 6.88 -19.62 13.02
N PRO A 145 6.30 -20.82 13.12
CA PRO A 145 6.75 -21.78 14.15
C PRO A 145 8.01 -22.53 13.73
N LYS A 146 9.08 -22.33 14.52
CA LYS A 146 10.33 -23.02 14.26
C LYS A 146 10.16 -24.53 14.24
N HIS A 147 9.40 -25.08 15.18
CA HIS A 147 9.27 -26.54 15.27
C HIS A 147 8.58 -27.13 14.06
N ILE A 148 7.90 -26.31 13.26
CA ILE A 148 7.29 -26.80 12.02
C ILE A 148 8.26 -26.68 10.84
N TRP A 149 8.98 -25.56 10.74
CA TRP A 149 9.66 -25.19 9.51
C TRP A 149 11.17 -25.42 9.53
N GLU A 150 11.77 -25.69 10.70
CA GLU A 150 13.23 -25.65 10.81
C GLU A 150 13.93 -26.70 9.96
N GLU A 151 13.23 -27.77 9.58
CA GLU A 151 13.83 -28.84 8.78
C GLU A 151 13.44 -28.77 7.30
N LYS A 152 12.47 -27.93 6.95
CA LYS A 152 12.05 -27.81 5.56
C LYS A 152 13.19 -27.24 4.71
N ASP A 153 13.22 -27.66 3.45
CA ASP A 153 14.25 -27.18 2.54
C ASP A 153 13.76 -25.93 1.80
N GLU A 154 14.56 -25.45 0.87
CA GLU A 154 14.30 -24.14 0.26
C GLU A 154 12.98 -24.14 -0.51
N THR A 155 12.74 -25.18 -1.31
CA THR A 155 11.55 -25.18 -2.14
C THR A 155 10.27 -25.37 -1.32
N THR A 156 10.35 -26.12 -0.21
CA THR A 156 9.20 -26.25 0.66
C THR A 156 8.88 -24.92 1.33
N ILE A 157 9.90 -24.27 1.90
CA ILE A 157 9.68 -22.99 2.57
C ILE A 157 9.11 -21.97 1.59
N LEU A 158 9.62 -21.92 0.37
CA LEU A 158 9.23 -20.88 -0.57
C LEU A 158 7.98 -21.22 -1.37
N GLN A 159 7.68 -22.50 -1.61
CA GLN A 159 6.66 -22.84 -2.60
C GLN A 159 5.56 -23.78 -2.12
N SER A 160 5.67 -24.37 -0.93
N SER A 160 5.68 -24.40 -0.95
CA SER A 160 4.62 -25.26 -0.46
CA SER A 160 4.66 -25.33 -0.50
C SER A 160 3.31 -24.51 -0.29
C SER A 160 3.36 -24.58 -0.21
N SER A 161 2.20 -25.19 -0.59
N SER A 161 2.24 -25.21 -0.57
CA SER A 161 0.89 -24.60 -0.39
CA SER A 161 0.94 -24.57 -0.39
C SER A 161 0.57 -24.44 1.09
C SER A 161 0.57 -24.44 1.08
N ASN A 162 1.07 -25.35 1.93
CA ASN A 162 0.91 -25.27 3.38
C ASN A 162 -0.56 -25.28 3.79
N GLU A 163 -1.31 -26.25 3.25
N GLU A 163 -1.31 -26.24 3.24
CA GLU A 163 -2.71 -26.39 3.60
CA GLU A 163 -2.72 -26.40 3.60
C GLU A 163 -2.86 -26.62 5.10
C GLU A 163 -2.86 -26.62 5.10
N TYR A 164 -3.96 -26.11 5.65
CA TYR A 164 -4.22 -26.14 7.08
C TYR A 164 -3.05 -25.55 7.87
N PRO A 165 -2.78 -24.25 7.72
CA PRO A 165 -1.53 -23.68 8.26
C PRO A 165 -1.51 -23.76 9.78
N LEU A 166 -0.36 -24.14 10.31
CA LEU A 166 -0.17 -24.22 11.76
C LEU A 166 0.26 -22.84 12.25
N GLY A 167 -0.69 -22.12 12.86
CA GLY A 167 -0.40 -20.79 13.34
C GLY A 167 -0.62 -20.62 14.83
N SER A 168 -0.74 -19.36 15.25
CA SER A 168 -0.99 -19.02 16.65
C SER A 168 -2.16 -18.08 16.83
N GLY A 169 -2.83 -17.68 15.76
CA GLY A 169 -3.79 -16.60 15.78
C GLY A 169 -5.20 -17.00 16.11
N PRO A 170 -6.13 -16.04 15.99
CA PRO A 170 -7.50 -16.27 16.44
C PRO A 170 -8.34 -17.16 15.54
N TYR A 171 -7.84 -17.56 14.37
CA TYR A 171 -8.59 -18.43 13.47
C TYR A 171 -7.71 -19.55 12.96
N VAL A 172 -8.37 -20.62 12.50
CA VAL A 172 -7.71 -21.69 11.75
C VAL A 172 -8.37 -21.77 10.39
N ALA A 173 -7.64 -22.34 9.44
CA ALA A 173 -8.23 -22.67 8.15
C ALA A 173 -9.26 -23.78 8.34
N HIS A 174 -10.46 -23.57 7.81
CA HIS A 174 -11.52 -24.55 7.95
C HIS A 174 -11.74 -25.34 6.65
N SER A 175 -12.11 -24.64 5.58
CA SER A 175 -12.40 -25.27 4.31
C SER A 175 -12.35 -24.19 3.23
N TRP A 176 -12.44 -24.64 1.98
CA TRP A 176 -12.36 -23.73 0.85
C TRP A 176 -12.83 -24.46 -0.41
N ASP A 177 -13.17 -23.68 -1.42
CA ASP A 177 -13.42 -24.21 -2.75
C ASP A 177 -12.92 -23.17 -3.76
N GLN A 178 -13.38 -23.28 -5.01
CA GLN A 178 -12.92 -22.37 -6.05
C GLN A 178 -13.27 -20.92 -5.77
N ASN A 179 -14.30 -20.66 -4.95
CA ASN A 179 -14.85 -19.31 -4.84
C ASN A 179 -14.90 -18.77 -3.42
N LYS A 180 -14.38 -19.50 -2.43
CA LYS A 180 -14.37 -18.93 -1.08
C LYS A 180 -13.35 -19.65 -0.21
N MET A 181 -12.85 -18.91 0.78
CA MET A 181 -12.02 -19.45 1.85
C MET A 181 -12.78 -19.29 3.16
N ILE A 182 -12.81 -20.33 3.97
CA ILE A 182 -13.54 -20.31 5.24
C ILE A 182 -12.55 -20.48 6.39
N PHE A 183 -12.52 -19.49 7.26
CA PHE A 183 -11.77 -19.54 8.51
C PHE A 183 -12.73 -19.77 9.67
N GLU A 184 -12.32 -20.60 10.62
CA GLU A 184 -13.10 -20.88 11.82
C GLU A 184 -12.35 -20.35 13.03
N ARG A 185 -13.09 -19.67 13.92
CA ARG A 185 -12.49 -19.10 15.12
C ARG A 185 -11.88 -20.21 15.98
N PHE A 186 -10.64 -19.97 16.43
CA PHE A 186 -9.92 -20.92 17.28
C PHE A 186 -10.26 -20.58 18.73
N GLU A 187 -11.13 -21.38 19.34
CA GLU A 187 -11.67 -21.01 20.65
C GLU A 187 -10.58 -20.96 21.72
N ASN A 188 -9.58 -21.83 21.64
CA ASN A 188 -8.50 -21.83 22.63
C ASN A 188 -7.39 -20.82 22.29
N TRP A 189 -7.67 -19.81 21.49
CA TRP A 189 -6.68 -18.80 21.14
C TRP A 189 -6.07 -18.18 22.39
N TRP A 190 -4.74 -18.14 22.42
CA TRP A 190 -4.04 -17.54 23.56
C TRP A 190 -4.46 -16.09 23.76
N GLY A 191 -4.82 -15.40 22.67
CA GLY A 191 -5.10 -13.98 22.75
C GLY A 191 -6.28 -13.64 23.62
N THR A 192 -7.30 -14.51 23.65
CA THR A 192 -8.46 -14.25 24.50
C THR A 192 -8.08 -14.34 25.97
N LYS A 193 -7.22 -15.30 26.32
CA LYS A 193 -6.81 -15.45 27.72
C LYS A 193 -5.92 -14.31 28.18
N VAL A 194 -5.05 -13.81 27.30
CA VAL A 194 -4.02 -12.85 27.68
C VAL A 194 -4.45 -11.42 27.38
N MET A 195 -4.92 -11.15 26.17
CA MET A 195 -5.31 -9.80 25.78
C MET A 195 -6.76 -9.49 26.09
N GLY A 196 -7.58 -10.49 26.38
CA GLY A 196 -8.97 -10.25 26.75
C GLY A 196 -9.89 -9.92 25.60
N VAL A 197 -9.41 -10.01 24.36
CA VAL A 197 -10.24 -9.74 23.21
C VAL A 197 -10.63 -11.07 22.56
N LYS A 198 -11.64 -11.03 21.68
CA LYS A 198 -12.10 -12.20 20.96
C LYS A 198 -12.79 -11.72 19.71
N PRO A 199 -12.51 -12.31 18.54
CA PRO A 199 -13.22 -11.90 17.34
C PRO A 199 -14.67 -12.35 17.40
N ALA A 200 -15.57 -11.44 17.02
CA ALA A 200 -17.00 -11.71 17.15
C ALA A 200 -17.51 -12.81 16.22
N PRO A 201 -17.08 -12.86 14.95
CA PRO A 201 -17.61 -13.91 14.05
C PRO A 201 -16.95 -15.26 14.32
N LYS A 202 -17.78 -16.30 14.46
CA LYS A 202 -17.26 -17.66 14.52
C LYS A 202 -16.61 -18.07 13.22
N TYR A 203 -17.13 -17.57 12.10
CA TYR A 203 -16.58 -17.87 10.79
C TYR A 203 -16.34 -16.59 10.00
N VAL A 204 -15.17 -16.52 9.39
CA VAL A 204 -14.82 -15.45 8.45
C VAL A 204 -14.67 -16.11 7.08
N VAL A 205 -15.43 -15.61 6.11
CA VAL A 205 -15.40 -16.13 4.74
C VAL A 205 -14.80 -15.06 3.84
N ILE A 206 -13.76 -15.43 3.11
CA ILE A 206 -13.19 -14.60 2.06
C ILE A 206 -13.87 -15.00 0.75
N VAL A 207 -14.61 -14.07 0.15
CA VAL A 207 -15.42 -14.37 -1.02
C VAL A 207 -14.69 -13.90 -2.28
N ARG A 208 -14.66 -14.76 -3.29
CA ARG A 208 -14.14 -14.42 -4.61
C ARG A 208 -15.29 -14.26 -5.57
N VAL A 209 -15.29 -13.15 -6.32
CA VAL A 209 -16.29 -12.91 -7.35
C VAL A 209 -15.58 -12.54 -8.64
N LEU A 210 -16.27 -12.76 -9.76
CA LEU A 210 -15.69 -12.48 -11.06
C LEU A 210 -15.87 -11.03 -11.50
N SER A 211 -16.85 -10.32 -10.94
CA SER A 211 -17.18 -8.99 -11.46
C SER A 211 -17.73 -8.11 -10.34
N ASN A 212 -17.65 -6.80 -10.56
CA ASN A 212 -18.21 -5.84 -9.62
C ASN A 212 -19.73 -5.91 -9.58
N ASN A 213 -20.37 -6.34 -10.66
CA ASN A 213 -21.81 -6.60 -10.64
C ASN A 213 -22.16 -7.57 -9.51
N VAL A 214 -21.46 -8.70 -9.46
CA VAL A 214 -21.74 -9.72 -8.45
C VAL A 214 -21.47 -9.19 -7.06
N ALA A 215 -20.38 -8.44 -6.88
CA ALA A 215 -20.03 -7.93 -5.56
C ALA A 215 -21.07 -6.94 -5.05
N LEU A 216 -21.48 -5.99 -5.92
CA LEU A 216 -22.50 -5.04 -5.51
C LEU A 216 -23.83 -5.74 -5.25
N GLY A 217 -24.17 -6.73 -6.09
CA GLY A 217 -25.39 -7.49 -5.85
C GLY A 217 -25.40 -8.17 -4.50
N MET A 218 -24.25 -8.72 -4.08
CA MET A 218 -24.18 -9.39 -2.79
C MET A 218 -24.37 -8.40 -1.64
N LEU A 219 -23.76 -7.22 -1.73
CA LEU A 219 -24.00 -6.19 -0.72
C LEU A 219 -25.47 -5.81 -0.65
N MET A 220 -26.10 -5.62 -1.81
N MET A 220 -26.09 -5.58 -1.81
CA MET A 220 -27.50 -5.22 -1.83
CA MET A 220 -27.51 -5.23 -1.87
C MET A 220 -28.41 -6.30 -1.26
C MET A 220 -28.36 -6.31 -1.21
N LYS A 221 -28.11 -7.57 -1.55
CA LYS A 221 -28.86 -8.68 -0.97
C LYS A 221 -28.49 -8.96 0.48
N GLY A 222 -27.48 -8.27 1.01
CA GLY A 222 -27.03 -8.55 2.35
C GLY A 222 -26.21 -9.81 2.49
N GLU A 223 -25.62 -10.29 1.39
CA GLU A 223 -24.80 -11.50 1.39
C GLU A 223 -23.33 -11.20 1.65
N LEU A 224 -22.92 -9.94 1.52
CA LEU A 224 -21.56 -9.50 1.79
C LEU A 224 -21.62 -8.47 2.91
N ASP A 225 -20.76 -8.64 3.91
CA ASP A 225 -20.77 -7.71 5.05
C ASP A 225 -19.70 -6.62 4.91
N PHE A 226 -18.56 -6.98 4.34
CA PHE A 226 -17.33 -6.20 4.41
C PHE A 226 -16.69 -6.26 3.03
N SER A 227 -16.78 -5.15 2.29
CA SER A 227 -16.33 -5.11 0.91
C SER A 227 -15.20 -4.10 0.75
N ASN A 228 -14.11 -4.53 0.11
CA ASN A 228 -13.10 -3.63 -0.41
C ASN A 228 -13.18 -3.50 -1.92
N PHE A 229 -14.28 -3.92 -2.54
CA PHE A 229 -14.41 -3.83 -3.98
C PHE A 229 -14.48 -2.38 -4.43
N MET A 230 -13.87 -2.12 -5.57
CA MET A 230 -13.85 -0.78 -6.18
C MET A 230 -15.14 -0.62 -6.97
N LEU A 231 -16.20 -0.19 -6.29
CA LEU A 231 -17.52 -0.17 -6.88
C LEU A 231 -17.92 1.25 -7.25
N PRO A 232 -18.08 1.56 -8.53
CA PRO A 232 -18.53 2.91 -8.93
C PRO A 232 -19.99 3.12 -8.55
N GLY A 233 -20.36 4.40 -8.48
CA GLY A 233 -21.73 4.76 -8.17
C GLY A 233 -22.03 4.95 -6.71
N VAL A 234 -21.03 5.37 -5.91
CA VAL A 234 -21.22 5.41 -4.46
C VAL A 234 -22.29 6.38 -4.01
N PRO A 235 -22.38 7.62 -4.52
CA PRO A 235 -23.41 8.55 -4.01
C PRO A 235 -24.82 7.99 -4.03
N ILE A 236 -25.22 7.42 -5.18
CA ILE A 236 -26.59 6.94 -5.35
C ILE A 236 -26.81 5.67 -4.54
N LEU A 237 -25.77 4.87 -4.34
CA LEU A 237 -25.89 3.71 -3.47
C LEU A 237 -26.21 4.14 -2.04
N LYS A 238 -25.40 5.05 -1.48
CA LYS A 238 -25.69 5.58 -0.16
C LYS A 238 -27.05 6.26 -0.11
N LYS A 239 -27.33 7.11 -1.10
CA LYS A 239 -28.56 7.90 -1.07
C LYS A 239 -29.80 7.01 -1.03
N VAL A 240 -29.80 5.91 -1.79
CA VAL A 240 -31.03 5.18 -2.02
C VAL A 240 -31.00 3.73 -1.54
N TYR A 241 -29.83 3.14 -1.29
CA TYR A 241 -29.78 1.69 -1.07
C TYR A 241 -29.12 1.29 0.23
N ASN A 242 -28.98 2.23 1.18
CA ASN A 242 -28.58 1.91 2.55
C ASN A 242 -27.22 1.21 2.63
N LEU A 243 -26.29 1.63 1.78
CA LEU A 243 -24.91 1.18 1.84
C LEU A 243 -24.06 2.26 2.48
N ASN A 244 -23.14 1.85 3.34
CA ASN A 244 -22.39 2.77 4.17
C ASN A 244 -20.94 2.84 3.71
N THR A 245 -20.37 4.03 3.75
CA THR A 245 -18.96 4.28 3.49
C THR A 245 -18.34 4.93 4.71
N TRP A 246 -17.02 5.17 4.62
CA TRP A 246 -16.31 5.78 5.75
C TRP A 246 -16.86 7.18 6.04
N TYR A 247 -16.90 8.03 5.03
CA TYR A 247 -17.39 9.40 5.17
C TYR A 247 -18.85 9.48 4.70
N ASP A 248 -19.66 10.25 5.44
CA ASP A 248 -21.02 10.49 5.00
C ASP A 248 -21.06 11.18 3.64
N GLU A 249 -20.21 12.18 3.45
CA GLU A 249 -20.20 13.03 2.26
C GLU A 249 -18.92 12.77 1.47
N PRO A 250 -18.72 13.40 0.29
CA PRO A 250 -17.42 13.27 -0.37
C PRO A 250 -16.27 13.60 0.55
N PRO A 251 -15.14 12.86 0.45
CA PRO A 251 -14.79 11.87 -0.58
C PRO A 251 -15.29 10.44 -0.33
N TYR A 252 -16.13 10.23 0.69
CA TYR A 252 -16.74 8.93 0.99
C TYR A 252 -15.74 7.92 1.56
N HIS A 253 -14.62 7.71 0.87
CA HIS A 253 -13.62 6.74 1.28
C HIS A 253 -12.38 7.43 1.83
N LEU A 254 -11.68 6.73 2.71
CA LEU A 254 -10.31 7.09 3.04
C LEU A 254 -9.42 6.98 1.81
N SER A 255 -8.27 7.64 1.85
CA SER A 255 -7.30 7.62 0.78
C SER A 255 -6.19 6.62 1.12
N SER A 256 -5.80 5.80 0.14
CA SER A 256 -4.82 4.75 0.40
C SER A 256 -3.61 4.73 -0.53
N THR A 257 -3.68 5.35 -1.71
CA THR A 257 -2.54 5.38 -2.63
C THR A 257 -2.42 6.78 -3.22
N VAL A 258 -1.25 7.07 -3.79
CA VAL A 258 -1.01 8.31 -4.51
C VAL A 258 -0.94 7.97 -6.00
N VAL A 259 -1.89 8.50 -6.76
CA VAL A 259 -1.92 8.30 -8.21
C VAL A 259 -1.29 9.51 -8.87
N GLY A 260 -0.34 9.25 -9.75
CA GLY A 260 0.33 10.32 -10.45
C GLY A 260 0.97 9.85 -11.74
N LEU A 261 1.83 10.70 -12.28
CA LEU A 261 2.50 10.44 -13.55
C LEU A 261 4.01 10.35 -13.33
N PHE A 262 4.58 9.20 -13.66
CA PHE A 262 6.01 9.13 -13.88
C PHE A 262 6.33 9.59 -15.29
N LEU A 263 7.44 10.32 -15.43
CA LEU A 263 7.89 10.77 -16.74
C LEU A 263 9.26 10.17 -17.01
N ASN A 264 9.54 9.91 -18.28
CA ASN A 264 10.81 9.30 -18.67
C ASN A 264 11.87 10.38 -18.63
N ALA A 265 12.60 10.45 -17.53
CA ALA A 265 13.63 11.47 -17.36
C ALA A 265 14.80 11.30 -18.32
N ARG A 266 14.84 10.23 -19.11
CA ARG A 266 15.91 9.99 -20.07
C ARG A 266 15.49 10.21 -21.51
N LYS A 267 14.24 10.58 -21.77
CA LYS A 267 13.76 10.80 -23.13
C LYS A 267 13.45 12.27 -23.34
N TYR A 268 14.18 12.90 -24.25
CA TYR A 268 13.94 14.28 -24.67
C TYR A 268 12.55 14.39 -25.29
N PRO A 269 11.78 15.43 -24.93
CA PRO A 269 12.10 16.53 -24.02
C PRO A 269 11.68 16.32 -22.57
N LEU A 270 11.18 15.14 -22.22
CA LEU A 270 10.81 14.87 -20.84
C LEU A 270 12.01 14.85 -19.91
N SER A 271 13.22 14.78 -20.48
CA SER A 271 14.45 14.89 -19.71
C SER A 271 14.71 16.29 -19.20
N LEU A 272 13.94 17.28 -19.64
CA LEU A 272 14.12 18.66 -19.20
C LEU A 272 13.17 18.95 -18.04
N PRO A 273 13.69 19.35 -16.88
CA PRO A 273 12.78 19.59 -15.73
C PRO A 273 11.73 20.65 -15.98
N GLU A 274 12.07 21.74 -16.68
CA GLU A 274 11.06 22.77 -16.95
C GLU A 274 9.96 22.25 -17.86
N PHE A 275 10.26 21.30 -18.75
CA PHE A 275 9.21 20.69 -19.56
C PHE A 275 8.27 19.87 -18.69
N ARG A 276 8.81 19.10 -17.75
CA ARG A 276 7.98 18.37 -16.81
C ARG A 276 7.16 19.31 -15.95
N ARG A 277 7.77 20.44 -15.54
CA ARG A 277 7.01 21.44 -14.78
C ARG A 277 5.82 21.94 -15.58
N ALA A 278 6.03 22.24 -16.87
CA ALA A 278 4.93 22.73 -17.69
C ALA A 278 3.82 21.70 -17.80
N ILE A 279 4.17 20.43 -17.93
CA ILE A 279 3.16 19.37 -17.96
C ILE A 279 2.35 19.39 -16.68
N ALA A 280 3.03 19.45 -15.53
CA ALA A 280 2.34 19.44 -14.24
C ALA A 280 1.38 20.61 -14.12
N MET A 281 1.80 21.80 -14.55
CA MET A 281 0.95 22.99 -14.42
C MET A 281 -0.17 23.04 -15.44
N SER A 282 -0.13 22.19 -16.46
N SER A 282 -0.15 22.20 -16.47
CA SER A 282 -1.18 22.13 -17.47
CA SER A 282 -1.24 22.20 -17.43
C SER A 282 -2.34 21.23 -17.07
C SER A 282 -2.39 21.29 -17.00
N ILE A 283 -2.18 20.43 -16.01
CA ILE A 283 -3.16 19.43 -15.61
C ILE A 283 -4.05 19.99 -14.52
N ASN A 284 -5.35 19.74 -14.65
CA ASN A 284 -6.35 20.06 -13.63
C ASN A 284 -7.05 18.77 -13.25
N ALA A 285 -6.77 18.28 -12.03
CA ALA A 285 -7.37 17.03 -11.58
C ALA A 285 -8.82 17.19 -11.14
N ASP A 286 -9.33 18.43 -11.04
CA ASP A 286 -10.71 18.62 -10.59
C ASP A 286 -11.71 17.88 -11.45
N PRO A 287 -11.72 18.01 -12.79
CA PRO A 287 -12.68 17.20 -13.58
C PRO A 287 -12.49 15.71 -13.41
N ILE A 288 -11.26 15.23 -13.17
CA ILE A 288 -11.06 13.81 -12.90
C ILE A 288 -11.76 13.43 -11.59
N VAL A 289 -11.51 14.21 -10.53
CA VAL A 289 -12.14 13.94 -9.24
C VAL A 289 -13.66 14.02 -9.34
N GLN A 290 -14.16 14.98 -10.10
CA GLN A 290 -15.61 15.21 -10.18
C GLN A 290 -16.28 14.34 -11.23
N ARG A 291 -15.81 14.42 -12.48
CA ARG A 291 -16.46 13.71 -13.58
C ARG A 291 -16.22 12.20 -13.48
N VAL A 292 -14.95 11.79 -13.43
CA VAL A 292 -14.61 10.37 -13.49
C VAL A 292 -15.00 9.65 -12.21
N TYR A 293 -14.66 10.24 -11.06
CA TYR A 293 -14.79 9.57 -9.78
C TYR A 293 -15.97 10.03 -8.95
N GLU A 294 -16.76 10.99 -9.44
CA GLU A 294 -17.96 11.45 -8.74
C GLU A 294 -17.66 11.91 -7.33
N GLY A 295 -16.52 12.57 -7.16
CA GLY A 295 -16.10 13.06 -5.86
C GLY A 295 -15.72 11.99 -4.87
N ALA A 296 -15.50 10.75 -5.31
CA ALA A 296 -15.14 9.65 -4.42
C ALA A 296 -13.63 9.51 -4.22
N VAL A 297 -12.84 10.50 -4.66
CA VAL A 297 -11.42 10.57 -4.36
C VAL A 297 -11.08 12.01 -4.01
N LEU A 298 -9.93 12.18 -3.35
CA LEU A 298 -9.41 13.50 -3.02
C LEU A 298 -8.29 13.88 -3.97
N LYS A 299 -8.31 15.14 -4.41
CA LYS A 299 -7.21 15.69 -5.18
C LYS A 299 -5.95 15.73 -4.33
N ALA A 300 -4.80 15.52 -4.95
CA ALA A 300 -3.55 15.52 -4.22
C ALA A 300 -3.03 16.94 -4.04
N ASP A 301 -2.38 17.17 -2.89
CA ASP A 301 -1.57 18.36 -2.72
C ASP A 301 -0.35 18.21 -3.63
N PRO A 302 0.39 19.30 -3.88
CA PRO A 302 1.54 19.20 -4.80
C PRO A 302 2.55 18.13 -4.41
N LEU A 303 2.75 17.89 -3.11
CA LEU A 303 3.73 16.91 -2.67
C LEU A 303 3.20 15.48 -2.76
N GLY A 304 1.88 15.31 -2.66
CA GLY A 304 1.31 13.98 -2.75
C GLY A 304 1.33 13.20 -1.46
N PHE A 305 1.42 13.85 -0.31
CA PHE A 305 1.35 13.13 0.96
C PHE A 305 -0.09 12.70 1.22
N LEU A 306 -0.24 11.45 1.65
CA LEU A 306 -1.57 10.91 1.89
C LEU A 306 -2.20 11.57 3.11
N PRO A 307 -3.43 12.05 3.01
CA PRO A 307 -4.18 12.37 4.22
C PRO A 307 -4.54 11.07 4.94
N ASN A 308 -5.13 11.22 6.13
CA ASN A 308 -5.42 10.09 7.03
C ASN A 308 -4.24 9.11 7.13
N SER A 309 -3.02 9.65 7.21
CA SER A 309 -1.83 8.83 7.34
C SER A 309 -0.84 9.50 8.30
N VAL A 310 0.13 8.70 8.75
CA VAL A 310 1.18 9.24 9.62
C VAL A 310 2.18 10.09 8.84
N TRP A 311 2.19 10.01 7.51
CA TRP A 311 3.06 10.90 6.74
C TRP A 311 2.77 12.36 7.06
N MET A 312 1.51 12.70 7.29
CA MET A 312 1.14 14.08 7.59
C MET A 312 1.82 14.59 8.85
N LYS A 313 2.23 13.69 9.75
CA LYS A 313 2.97 14.08 10.93
C LYS A 313 4.28 14.78 10.56
N TYR A 314 4.83 14.46 9.39
CA TYR A 314 6.10 15.00 8.93
C TYR A 314 5.95 15.90 7.71
N TYR A 315 4.78 16.51 7.54
CA TYR A 315 4.48 17.26 6.32
C TYR A 315 5.29 18.56 6.27
N PRO A 316 6.13 18.77 5.21
CA PRO A 316 6.95 20.00 5.06
C PRO A 316 6.17 21.18 4.48
N LYS A 317 5.38 21.81 5.36
CA LYS A 317 4.39 22.80 4.92
C LYS A 317 5.04 23.97 4.19
N GLU A 318 6.06 24.57 4.80
CA GLU A 318 6.69 25.75 4.20
C GLU A 318 7.31 25.42 2.85
N VAL A 319 7.93 24.25 2.74
CA VAL A 319 8.53 23.85 1.47
C VAL A 319 7.48 23.73 0.39
N VAL A 320 6.33 23.12 0.70
CA VAL A 320 5.28 22.92 -0.30
C VAL A 320 4.67 24.25 -0.70
N GLU A 321 4.39 25.13 0.27
CA GLU A 321 3.82 26.44 -0.06
C GLU A 321 4.73 27.22 -0.99
N LYS A 322 6.04 27.13 -0.78
CA LYS A 322 6.98 27.91 -1.59
C LYS A 322 7.20 27.28 -2.97
N HIS A 323 7.31 25.96 -3.05
CA HIS A 323 7.74 25.29 -4.26
C HIS A 323 6.64 24.51 -4.97
N GLY A 324 5.45 24.41 -4.39
CA GLY A 324 4.40 23.59 -4.99
C GLY A 324 3.87 24.18 -6.28
N PHE A 325 3.51 23.29 -7.20
CA PHE A 325 2.90 23.68 -8.47
C PHE A 325 1.39 23.70 -8.34
N LYS A 326 0.74 24.39 -9.28
CA LYS A 326 -0.71 24.47 -9.34
C LYS A 326 -1.14 24.46 -10.81
N TYR A 327 -2.43 24.21 -11.02
CA TYR A 327 -2.99 24.34 -12.36
C TYR A 327 -2.89 25.78 -12.83
N ASP A 328 -2.19 25.97 -13.96
CA ASP A 328 -1.89 27.30 -14.47
C ASP A 328 -1.44 27.17 -15.93
N PRO A 329 -2.36 26.91 -16.86
CA PRO A 329 -1.94 26.65 -18.24
C PRO A 329 -1.26 27.83 -18.92
N GLU A 330 -1.59 29.07 -18.53
CA GLU A 330 -0.92 30.21 -19.14
C GLU A 330 0.55 30.26 -18.77
N GLU A 331 0.87 29.97 -17.51
CA GLU A 331 2.26 29.88 -17.09
C GLU A 331 2.98 28.71 -17.76
N ALA A 332 2.26 27.60 -17.98
CA ALA A 332 2.85 26.47 -18.69
C ALA A 332 3.25 26.85 -20.11
N LYS A 333 2.37 27.55 -20.83
CA LYS A 333 2.72 28.06 -22.15
C LYS A 333 3.95 28.95 -22.07
N SER A 334 4.03 29.80 -21.03
CA SER A 334 5.15 30.71 -20.90
C SER A 334 6.45 29.97 -20.62
N ILE A 335 6.39 28.93 -19.79
CA ILE A 335 7.58 28.10 -19.55
C ILE A 335 8.04 27.46 -20.85
N LEU A 336 7.09 26.98 -21.66
CA LEU A 336 7.45 26.31 -22.89
C LEU A 336 8.01 27.30 -23.92
N ASP A 337 7.41 28.49 -24.02
CA ASP A 337 7.96 29.53 -24.89
C ASP A 337 9.40 29.83 -24.51
N LYS A 338 9.67 29.98 -23.22
CA LYS A 338 11.02 30.30 -22.75
C LYS A 338 11.99 29.14 -22.99
N LEU A 339 11.51 27.90 -22.84
CA LEU A 339 12.33 26.73 -23.12
C LEU A 339 12.69 26.60 -24.60
N GLY A 340 12.01 27.31 -25.49
CA GLY A 340 12.23 27.20 -26.90
C GLY A 340 11.31 26.24 -27.64
N PHE A 341 10.26 25.78 -26.99
CA PHE A 341 9.34 24.79 -27.56
C PHE A 341 8.14 25.54 -28.13
N ARG A 342 8.17 25.80 -29.44
CA ARG A 342 7.20 26.65 -30.09
C ARG A 342 6.60 25.95 -31.29
N ASP A 343 5.36 26.31 -31.60
CA ASP A 343 4.70 25.85 -32.83
C ASP A 343 5.38 26.53 -34.02
N VAL A 344 6.06 25.73 -34.84
CA VAL A 344 6.75 26.25 -36.02
C VAL A 344 6.07 25.91 -37.33
N ASN A 345 5.09 25.00 -37.33
CA ASN A 345 4.44 24.55 -38.55
C ASN A 345 2.93 24.79 -38.53
N GLY A 346 2.43 25.57 -37.57
CA GLY A 346 1.05 26.02 -37.59
C GLY A 346 0.00 24.97 -37.30
N ASP A 347 0.37 23.84 -36.71
CA ASP A 347 -0.61 22.82 -36.36
C ASP A 347 -1.13 22.96 -34.93
N GLY A 348 -0.75 24.02 -34.23
CA GLY A 348 -1.16 24.22 -32.86
C GLY A 348 -0.37 23.45 -31.83
N PHE A 349 0.54 22.57 -32.25
CA PHE A 349 1.36 21.80 -31.33
C PHE A 349 2.79 22.33 -31.36
N ARG A 350 3.43 22.35 -30.19
CA ARG A 350 4.79 22.84 -30.11
C ARG A 350 5.77 21.81 -30.64
N GLU A 351 6.77 22.29 -31.37
CA GLU A 351 7.89 21.48 -31.81
C GLU A 351 9.08 21.70 -30.88
N THR A 352 10.16 20.96 -31.12
CA THR A 352 11.37 21.12 -30.35
C THR A 352 12.06 22.42 -30.74
N PRO A 353 13.04 22.88 -29.93
CA PRO A 353 13.84 24.03 -30.36
C PRO A 353 14.46 23.90 -31.75
N ASP A 354 14.74 22.69 -32.23
CA ASP A 354 15.22 22.53 -33.60
C ASP A 354 14.11 22.12 -34.56
N GLY A 355 12.85 22.38 -34.21
CA GLY A 355 11.74 22.28 -35.14
C GLY A 355 11.18 20.90 -35.36
N LYS A 356 11.47 19.93 -34.48
CA LYS A 356 11.00 18.58 -34.68
C LYS A 356 9.68 18.33 -33.94
N PRO A 357 8.85 17.45 -34.47
CA PRO A 357 7.55 17.18 -33.82
C PRO A 357 7.71 16.50 -32.47
N ILE A 358 6.72 16.73 -31.61
CA ILE A 358 6.62 16.11 -30.30
C ILE A 358 5.22 15.54 -30.14
N LYS A 359 5.14 14.26 -29.79
CA LYS A 359 3.85 13.62 -29.50
C LYS A 359 4.11 12.55 -28.46
N LEU A 360 3.61 12.77 -27.25
CA LEU A 360 3.94 11.94 -26.10
C LEU A 360 2.81 10.96 -25.81
N THR A 361 3.18 9.71 -25.50
CA THR A 361 2.20 8.72 -25.08
C THR A 361 1.95 8.84 -23.59
N ILE A 362 0.69 8.67 -23.20
CA ILE A 362 0.27 8.57 -21.81
C ILE A 362 -0.44 7.24 -21.66
N GLU A 363 0.03 6.40 -20.73
CA GLU A 363 -0.39 5.02 -20.75
C GLU A 363 -0.86 4.51 -19.39
N CYS A 364 -1.79 3.57 -19.46
CA CYS A 364 -2.25 2.76 -18.35
C CYS A 364 -2.79 1.46 -18.94
N PRO A 365 -3.01 0.44 -18.11
CA PRO A 365 -3.54 -0.82 -18.66
C PRO A 365 -4.89 -0.63 -19.30
N TYR A 366 -5.08 -1.30 -20.44
CA TYR A 366 -6.41 -1.41 -21.01
C TYR A 366 -7.33 -2.10 -20.03
N GLY A 367 -8.52 -1.54 -19.83
CA GLY A 367 -9.50 -2.11 -18.92
C GLY A 367 -9.58 -1.45 -17.57
N TRP A 368 -8.61 -0.61 -17.21
CA TRP A 368 -8.71 0.21 -16.00
C TRP A 368 -9.45 1.48 -16.39
N THR A 369 -10.78 1.36 -16.47
CA THR A 369 -11.58 2.32 -17.22
C THR A 369 -11.59 3.69 -16.57
N ASP A 370 -11.53 3.78 -15.24
CA ASP A 370 -11.42 5.08 -14.61
C ASP A 370 -10.09 5.76 -14.95
N TRP A 371 -8.99 5.00 -14.92
CA TRP A 371 -7.70 5.57 -15.31
C TRP A 371 -7.68 5.94 -16.79
N MET A 372 -8.34 5.14 -17.63
CA MET A 372 -8.41 5.46 -19.06
C MET A 372 -9.11 6.80 -19.28
N GLN A 373 -10.24 7.01 -18.62
CA GLN A 373 -10.91 8.30 -18.70
C GLN A 373 -10.01 9.43 -18.22
N ALA A 374 -9.34 9.22 -17.09
CA ALA A 374 -8.44 10.24 -16.56
C ALA A 374 -7.34 10.58 -17.55
N ILE A 375 -6.80 9.57 -18.23
CA ILE A 375 -5.72 9.80 -19.18
C ILE A 375 -6.20 10.66 -20.35
N GLN A 376 -7.42 10.41 -20.83
CA GLN A 376 -7.96 11.21 -21.92
C GLN A 376 -8.16 12.65 -21.48
N VAL A 377 -8.60 12.87 -20.24
CA VAL A 377 -8.74 14.22 -19.72
C VAL A 377 -7.38 14.92 -19.72
N ILE A 378 -6.33 14.22 -19.29
CA ILE A 378 -4.99 14.80 -19.27
C ILE A 378 -4.50 15.05 -20.69
N VAL A 379 -4.78 14.13 -21.62
CA VAL A 379 -4.37 14.31 -23.01
C VAL A 379 -4.91 15.62 -23.57
N ASP A 380 -6.20 15.88 -23.35
CA ASP A 380 -6.81 17.08 -23.89
C ASP A 380 -6.31 18.34 -23.20
N GLN A 381 -5.99 18.24 -21.90
CA GLN A 381 -5.45 19.39 -21.20
C GLN A 381 -4.04 19.73 -21.69
N LEU A 382 -3.24 18.71 -22.02
CA LEU A 382 -1.93 18.97 -22.61
C LEU A 382 -2.04 19.61 -23.98
N LYS A 383 -3.03 19.19 -24.78
CA LYS A 383 -3.24 19.81 -26.09
C LYS A 383 -3.56 21.29 -25.96
N VAL A 384 -4.20 21.68 -24.86
CA VAL A 384 -4.56 23.09 -24.65
C VAL A 384 -3.32 23.98 -24.64
N VAL A 385 -2.24 23.51 -24.01
CA VAL A 385 -1.03 24.31 -23.90
C VAL A 385 -0.08 23.99 -25.04
N GLY A 386 -0.57 23.25 -26.04
CA GLY A 386 0.23 22.99 -27.23
C GLY A 386 1.18 21.82 -27.14
N ILE A 387 0.91 20.86 -26.26
CA ILE A 387 1.72 19.65 -26.15
C ILE A 387 0.90 18.50 -26.71
N ASN A 388 1.33 17.98 -27.86
CA ASN A 388 0.61 16.88 -28.49
C ASN A 388 0.80 15.61 -27.68
N ALA A 389 -0.31 14.92 -27.40
CA ALA A 389 -0.27 13.70 -26.61
C ALA A 389 -1.35 12.77 -27.11
N GLU A 390 -1.18 11.48 -26.79
CA GLU A 390 -2.18 10.50 -27.20
C GLU A 390 -2.27 9.41 -26.15
N PRO A 391 -3.46 8.89 -25.88
CA PRO A 391 -3.58 7.78 -24.94
C PRO A 391 -2.98 6.51 -25.50
N TYR A 392 -2.49 5.67 -24.61
CA TYR A 392 -1.91 4.38 -24.96
C TYR A 392 -2.35 3.38 -23.91
N PHE A 393 -3.03 2.31 -24.32
CA PHE A 393 -3.63 1.35 -23.40
C PHE A 393 -3.11 -0.05 -23.70
N PRO A 394 -1.87 -0.35 -23.33
CA PRO A 394 -1.38 -1.72 -23.44
C PRO A 394 -2.12 -2.62 -22.46
N ASP A 395 -1.97 -3.92 -22.65
CA ASP A 395 -2.53 -4.83 -21.67
C ASP A 395 -1.70 -4.78 -20.38
N SER A 396 -2.26 -5.37 -19.32
CA SER A 396 -1.66 -5.25 -17.99
C SER A 396 -0.19 -5.64 -17.98
N SER A 397 0.13 -6.80 -18.58
CA SER A 397 1.51 -7.31 -18.53
C SER A 397 2.47 -6.37 -19.24
N LYS A 398 2.09 -5.84 -20.40
CA LYS A 398 2.95 -4.89 -21.11
C LYS A 398 3.09 -3.58 -20.36
N TYR A 399 2.04 -3.16 -19.65
CA TYR A 399 2.12 -1.95 -18.83
C TYR A 399 3.16 -2.11 -17.73
N TYR A 400 3.13 -3.24 -17.03
CA TYR A 400 4.12 -3.46 -15.97
C TYR A 400 5.50 -3.70 -16.55
N GLU A 401 5.58 -4.38 -17.70
CA GLU A 401 6.87 -4.53 -18.38
C GLU A 401 7.45 -3.17 -18.74
N ASN A 402 6.63 -2.31 -19.35
CA ASN A 402 7.06 -0.95 -19.63
C ASN A 402 7.50 -0.23 -18.36
N MET A 403 6.75 -0.41 -17.27
CA MET A 403 7.08 0.26 -16.02
C MET A 403 8.47 -0.12 -15.54
N TYR A 404 8.73 -1.43 -15.41
CA TYR A 404 9.99 -1.88 -14.84
C TYR A 404 11.19 -1.51 -15.71
N LYS A 405 11.01 -1.46 -17.02
CA LYS A 405 12.10 -1.18 -17.95
C LYS A 405 12.28 0.31 -18.22
N GLY A 406 11.34 1.15 -17.80
CA GLY A 406 11.41 2.56 -18.10
C GLY A 406 11.08 2.90 -19.54
N GLU A 407 10.28 2.06 -20.20
CA GLU A 407 10.00 2.21 -21.63
C GLU A 407 8.60 2.81 -21.80
N PHE A 408 8.52 4.12 -21.58
CA PHE A 408 7.29 4.88 -21.73
C PHE A 408 7.67 6.34 -21.89
N ASP A 409 6.67 7.15 -22.23
CA ASP A 409 6.85 8.60 -22.18
C ASP A 409 6.28 9.13 -20.88
N ILE A 410 4.95 9.15 -20.79
CA ILE A 410 4.23 9.49 -19.57
C ILE A 410 3.44 8.26 -19.15
N GLU A 411 3.52 7.91 -17.86
CA GLU A 411 2.89 6.72 -17.36
C GLU A 411 2.12 7.04 -16.09
N MET A 412 0.83 6.71 -16.08
CA MET A 412 0.04 6.79 -14.86
C MET A 412 0.37 5.60 -13.96
N ASN A 413 0.49 5.87 -12.67
CA ASN A 413 1.20 4.94 -11.79
C ASN A 413 0.75 5.16 -10.36
N ALA A 414 0.53 4.07 -9.64
CA ALA A 414 0.30 4.08 -8.20
C ALA A 414 0.99 2.87 -7.55
N ASN A 415 2.17 2.53 -8.07
CA ASN A 415 2.85 1.28 -7.75
C ASN A 415 3.95 1.57 -6.73
N GLY A 416 3.63 1.35 -5.45
CA GLY A 416 4.54 1.63 -4.37
C GLY A 416 4.23 2.88 -3.59
N THR A 417 3.16 3.60 -3.95
CA THR A 417 2.76 4.82 -3.26
C THR A 417 1.65 4.58 -2.25
N GLY A 418 1.43 3.33 -1.86
CA GLY A 418 0.40 3.04 -0.89
C GLY A 418 0.76 3.54 0.50
N ILE A 419 -0.27 3.63 1.33
CA ILE A 419 -0.09 4.07 2.72
C ILE A 419 0.90 3.13 3.42
N SER A 420 1.62 3.68 4.39
CA SER A 420 2.67 2.95 5.10
C SER A 420 2.90 3.64 6.44
N SER A 421 3.92 3.17 7.16
CA SER A 421 4.29 3.76 8.44
C SER A 421 5.34 4.85 8.31
N THR A 422 5.74 5.21 7.09
CA THR A 422 6.74 6.26 6.94
C THR A 422 6.73 6.84 5.54
N PRO A 423 6.84 8.16 5.39
CA PRO A 423 6.99 8.74 4.04
C PRO A 423 8.24 8.29 3.31
N TRP A 424 9.14 7.57 3.98
CA TRP A 424 10.30 7.03 3.30
C TRP A 424 9.91 6.07 2.18
N THR A 425 8.85 5.28 2.40
CA THR A 425 8.39 4.39 1.34
C THR A 425 7.95 5.17 0.11
N TYR A 426 7.33 6.32 0.32
CA TYR A 426 6.87 7.16 -0.79
C TYR A 426 8.04 7.78 -1.53
N PHE A 427 8.96 8.43 -0.80
CA PHE A 427 10.12 9.02 -1.46
C PHE A 427 11.02 7.96 -2.09
N ASN A 428 11.11 6.78 -1.48
CA ASN A 428 11.88 5.70 -2.09
C ASN A 428 11.27 5.27 -3.42
N THR A 429 9.94 5.15 -3.45
CA THR A 429 9.26 4.75 -4.68
C THR A 429 9.48 5.77 -5.79
N ILE A 430 9.49 7.05 -5.45
CA ILE A 430 9.70 8.08 -6.47
C ILE A 430 11.15 8.08 -6.94
N PHE A 431 12.10 8.05 -6.01
CA PHE A 431 13.48 8.40 -6.31
C PHE A 431 14.41 7.21 -6.49
N TYR A 432 14.00 6.00 -6.08
CA TYR A 432 14.76 4.75 -6.06
C TYR A 432 16.05 4.81 -6.87
N PRO A 433 17.17 5.22 -6.27
CA PRO A 433 18.37 5.48 -7.06
C PRO A 433 18.93 4.28 -7.80
N ASP A 434 18.74 3.06 -7.30
CA ASP A 434 19.32 1.90 -7.97
C ASP A 434 18.61 1.55 -9.28
N ALA A 435 17.50 2.23 -9.60
CA ALA A 435 16.87 2.03 -10.89
C ALA A 435 17.81 2.39 -12.04
N LEU A 436 18.71 3.35 -11.83
CA LEU A 436 19.61 3.81 -12.87
C LEU A 436 20.60 2.74 -13.30
N GLU A 437 20.89 1.77 -12.43
CA GLU A 437 21.84 0.71 -12.73
C GLU A 437 21.17 -0.66 -12.83
N SER A 438 19.88 -0.69 -13.14
CA SER A 438 19.12 -1.92 -13.23
C SER A 438 18.29 -1.90 -14.52
N GLU A 439 18.36 -2.98 -15.29
CA GLU A 439 17.48 -3.10 -16.46
C GLU A 439 16.02 -3.12 -16.05
N PHE A 440 15.70 -3.88 -15.01
CA PHE A 440 14.38 -3.91 -14.40
C PHE A 440 14.42 -3.20 -13.06
N SER A 441 13.49 -2.28 -12.84
CA SER A 441 13.35 -1.60 -11.55
C SER A 441 11.94 -1.85 -11.04
N TYR A 442 11.81 -2.73 -10.04
CA TYR A 442 10.53 -3.05 -9.46
C TYR A 442 10.13 -2.11 -8.32
N THR A 443 11.10 -1.42 -7.72
CA THR A 443 10.83 -0.67 -6.51
C THR A 443 10.41 0.78 -6.77
N GLY A 444 10.89 1.40 -7.85
CA GLY A 444 10.44 2.73 -8.16
C GLY A 444 11.39 3.44 -9.10
N ASN A 445 11.25 4.76 -9.17
CA ASN A 445 12.01 5.62 -10.07
C ASN A 445 11.98 5.06 -11.49
N TYR A 446 10.78 4.69 -11.93
CA TYR A 446 10.63 3.94 -13.16
C TYR A 446 11.06 4.74 -14.39
N GLY A 447 11.03 6.06 -14.32
CA GLY A 447 11.50 6.92 -15.39
C GLY A 447 12.97 7.24 -15.34
N ARG A 448 13.72 6.63 -14.42
CA ARG A 448 15.18 6.77 -14.34
C ARG A 448 15.61 8.23 -14.19
N TYR A 449 15.01 8.89 -13.20
CA TYR A 449 15.47 10.21 -12.80
C TYR A 449 16.71 10.09 -11.94
N GLN A 450 17.69 10.96 -12.21
CA GLN A 450 18.95 10.97 -11.49
C GLN A 450 19.17 12.32 -10.83
N ASN A 451 19.63 12.28 -9.58
CA ASN A 451 19.93 13.48 -8.81
C ASN A 451 21.03 13.14 -7.81
N PRO A 452 22.05 13.98 -7.68
CA PRO A 452 23.20 13.63 -6.83
C PRO A 452 22.96 13.75 -5.35
N GLU A 453 21.80 14.25 -4.91
N GLU A 453 21.80 14.26 -4.90
CA GLU A 453 21.54 14.49 -3.50
CA GLU A 453 21.56 14.48 -3.49
C GLU A 453 20.43 13.63 -2.92
C GLU A 453 20.44 13.62 -2.91
N VAL A 454 19.54 13.09 -3.75
CA VAL A 454 18.41 12.33 -3.22
C VAL A 454 18.87 11.03 -2.56
N GLU A 455 19.90 10.37 -3.12
CA GLU A 455 20.36 9.11 -2.55
C GLU A 455 20.81 9.30 -1.11
N SER A 456 21.61 10.34 -0.87
N SER A 456 21.60 10.36 -0.86
CA SER A 456 22.08 10.63 0.48
CA SER A 456 22.08 10.59 0.50
C SER A 456 20.94 10.99 1.40
C SER A 456 20.96 11.05 1.43
N LEU A 457 19.94 11.73 0.89
CA LEU A 457 18.82 12.15 1.74
C LEU A 457 17.92 10.97 2.06
N LEU A 458 17.70 10.07 1.11
CA LEU A 458 16.94 8.85 1.39
C LEU A 458 17.62 8.03 2.47
N GLU A 459 18.94 7.85 2.37
CA GLU A 459 19.68 7.09 3.37
C GLU A 459 19.61 7.77 4.73
N GLU A 460 19.80 9.10 4.77
CA GLU A 460 19.74 9.81 6.04
C GLU A 460 18.34 9.74 6.65
N LEU A 461 17.30 9.81 5.81
CA LEU A 461 15.94 9.68 6.31
C LEU A 461 15.71 8.30 6.93
N ASN A 462 16.09 7.25 6.20
CA ASN A 462 15.96 5.88 6.71
C ASN A 462 16.65 5.73 8.06
N ARG A 463 17.79 6.38 8.24
CA ARG A 463 18.58 6.28 9.46
C ARG A 463 18.25 7.38 10.46
N THR A 464 17.06 7.97 10.37
CA THR A 464 16.59 8.95 11.34
C THR A 464 15.43 8.34 12.11
N PRO A 465 15.52 8.21 13.44
CA PRO A 465 14.42 7.62 14.20
C PRO A 465 13.11 8.35 13.97
N LEU A 466 12.02 7.57 13.92
CA LEU A 466 10.71 8.13 13.59
C LEU A 466 10.25 9.16 14.60
N ASP A 467 10.68 9.04 15.85
CA ASP A 467 10.27 9.98 16.88
C ASP A 467 11.05 11.29 16.84
N ASN A 468 12.13 11.37 16.07
CA ASN A 468 12.78 12.64 15.80
C ASN A 468 11.94 13.35 14.74
N VAL A 469 10.81 13.90 15.20
CA VAL A 469 9.84 14.49 14.28
C VAL A 469 10.43 15.67 13.52
N GLU A 470 11.18 16.52 14.23
CA GLU A 470 11.77 17.70 13.60
C GLU A 470 12.70 17.30 12.45
N LYS A 471 13.57 16.31 12.68
CA LYS A 471 14.56 15.96 11.66
C LYS A 471 13.92 15.23 10.49
N VAL A 472 12.98 14.31 10.76
CA VAL A 472 12.29 13.62 9.67
C VAL A 472 11.53 14.63 8.82
N THR A 473 10.87 15.59 9.45
CA THR A 473 10.16 16.63 8.71
C THR A 473 11.13 17.44 7.85
N GLU A 474 12.29 17.79 8.41
CA GLU A 474 13.28 18.55 7.67
C GLU A 474 13.75 17.77 6.44
N LEU A 475 13.98 16.46 6.61
CA LEU A 475 14.43 15.64 5.49
C LEU A 475 13.33 15.46 4.46
N CYS A 476 12.08 15.29 4.90
CA CYS A 476 10.97 15.27 3.95
C CYS A 476 10.89 16.58 3.18
N GLY A 477 11.25 17.69 3.83
CA GLY A 477 11.28 18.97 3.13
C GLY A 477 12.37 19.06 2.09
N LYS A 478 13.53 18.49 2.38
CA LYS A 478 14.62 18.51 1.41
C LYS A 478 14.31 17.60 0.22
N LEU A 479 13.74 16.42 0.48
CA LEU A 479 13.30 15.56 -0.61
C LEU A 479 12.13 16.16 -1.35
N GLY A 480 11.16 16.72 -0.63
CA GLY A 480 10.03 17.36 -1.27
C GLY A 480 10.42 18.54 -2.13
N GLU A 481 11.43 19.31 -1.71
CA GLU A 481 11.92 20.41 -2.53
C GLU A 481 12.44 19.91 -3.87
N ILE A 482 13.17 18.79 -3.86
CA ILE A 482 13.68 18.23 -5.11
C ILE A 482 12.54 17.69 -5.96
N LEU A 483 11.60 16.98 -5.34
CA LEU A 483 10.44 16.49 -6.06
C LEU A 483 9.69 17.62 -6.75
N LEU A 484 9.45 18.72 -6.01
CA LEU A 484 8.65 19.79 -6.57
C LEU A 484 9.41 20.63 -7.58
N LYS A 485 10.75 20.70 -7.48
CA LYS A 485 11.52 21.44 -8.46
C LYS A 485 11.71 20.68 -9.76
N ASP A 486 11.99 19.37 -9.67
CA ASP A 486 12.36 18.58 -10.83
C ASP A 486 11.24 17.67 -11.34
N LEU A 487 10.17 17.50 -10.56
CA LEU A 487 8.98 16.74 -10.93
C LEU A 487 9.28 15.48 -11.76
N PRO A 488 10.07 14.55 -11.21
CA PRO A 488 10.16 13.23 -11.85
C PRO A 488 8.87 12.46 -11.76
N PHE A 489 8.01 12.83 -10.81
CA PHE A 489 6.71 12.22 -10.57
C PHE A 489 5.75 13.34 -10.24
N ILE A 490 4.56 13.32 -10.84
CA ILE A 490 3.57 14.37 -10.68
C ILE A 490 2.38 13.77 -9.92
N PRO A 491 2.21 14.08 -8.65
CA PRO A 491 1.02 13.58 -7.93
C PRO A 491 -0.24 14.29 -8.39
N LEU A 492 -1.31 13.52 -8.55
CA LEU A 492 -2.56 14.04 -9.07
C LEU A 492 -3.74 13.85 -8.12
N TRP A 493 -3.99 12.62 -7.68
CA TRP A 493 -5.06 12.37 -6.72
C TRP A 493 -4.74 11.11 -5.94
N TYR A 494 -5.52 10.86 -4.90
CA TYR A 494 -5.32 9.71 -4.03
C TYR A 494 -6.36 8.64 -4.34
N GLY A 495 -5.87 7.44 -4.63
CA GLY A 495 -6.77 6.31 -4.77
C GLY A 495 -7.51 6.01 -3.48
N ALA A 496 -8.73 5.53 -3.63
CA ALA A 496 -9.58 5.31 -2.47
C ALA A 496 -9.26 3.99 -1.78
N MET A 497 -9.37 3.99 -0.46
CA MET A 497 -9.46 2.75 0.31
C MET A 497 -10.93 2.35 0.31
N ALA A 498 -11.34 1.68 -0.76
CA ALA A 498 -12.74 1.33 -0.95
C ALA A 498 -13.22 0.44 0.19
N PHE A 499 -14.29 0.87 0.85
CA PHE A 499 -14.77 0.20 2.07
C PHE A 499 -16.27 0.46 2.18
N ILE A 500 -17.07 -0.55 1.82
CA ILE A 500 -18.52 -0.47 1.88
C ILE A 500 -19.01 -1.59 2.76
N THR A 501 -19.93 -1.27 3.67
CA THR A 501 -20.52 -2.23 4.58
C THR A 501 -22.04 -2.12 4.54
N GLN A 502 -22.69 -3.13 5.12
CA GLN A 502 -24.12 -3.09 5.40
C GLN A 502 -24.34 -3.81 6.72
N ASP A 503 -25.43 -3.43 7.41
CA ASP A 503 -25.57 -3.71 8.83
C ASP A 503 -26.62 -4.77 9.15
N ASN A 504 -26.98 -5.62 8.19
N ASN A 504 -26.97 -5.64 8.19
CA ASN A 504 -28.08 -6.55 8.44
CA ASN A 504 -28.07 -6.57 8.42
C ASN A 504 -27.68 -7.69 9.38
C ASN A 504 -27.68 -7.69 9.39
N VAL A 505 -26.39 -8.02 9.47
CA VAL A 505 -25.91 -9.10 10.33
C VAL A 505 -24.87 -8.61 11.33
N TRP A 506 -23.97 -7.73 10.91
CA TRP A 506 -22.93 -7.20 11.78
C TRP A 506 -22.98 -5.69 11.81
N THR A 507 -22.73 -5.11 12.98
CA THR A 507 -22.77 -3.65 13.17
C THR A 507 -21.52 -3.20 13.91
N ASN A 508 -21.42 -1.88 14.10
CA ASN A 508 -20.30 -1.21 14.77
C ASN A 508 -19.05 -1.17 13.88
N TRP A 509 -19.25 -1.03 12.58
CA TRP A 509 -18.12 -0.89 11.68
C TRP A 509 -17.41 0.44 11.96
N PRO A 510 -16.12 0.52 11.68
CA PRO A 510 -15.45 1.83 11.73
C PRO A 510 -16.01 2.78 10.69
N ASN A 511 -15.97 4.07 11.03
CA ASN A 511 -16.26 5.13 10.07
C ASN A 511 -15.72 6.45 10.61
N GLU A 512 -16.01 7.55 9.91
CA GLU A 512 -15.42 8.83 10.27
C GLU A 512 -15.80 9.25 11.69
N HIS A 513 -17.00 8.88 12.14
CA HIS A 513 -17.43 9.22 13.50
C HIS A 513 -16.84 8.29 14.54
N ASN A 514 -16.33 7.13 14.14
CA ASN A 514 -15.70 6.17 15.06
C ASN A 514 -14.54 5.52 14.32
N PRO A 515 -13.41 6.30 14.10
CA PRO A 515 -12.33 5.87 13.19
C PRO A 515 -11.30 4.98 13.88
N TYR A 516 -11.76 3.84 14.40
CA TYR A 516 -10.92 3.03 15.26
C TYR A 516 -10.05 2.02 14.51
N ALA A 517 -10.24 1.83 13.21
CA ALA A 517 -9.46 0.83 12.51
C ALA A 517 -9.43 1.11 11.01
N TRP A 518 -8.24 0.98 10.43
CA TRP A 518 -8.07 0.97 8.99
C TRP A 518 -8.81 -0.24 8.41
N PRO A 519 -9.70 -0.05 7.44
CA PRO A 519 -10.57 -1.16 7.01
C PRO A 519 -10.09 -1.89 5.77
N CYS A 520 -8.98 -2.63 5.85
CA CYS A 520 -8.35 -3.21 4.69
C CYS A 520 -8.18 -4.72 4.87
N GLY A 521 -8.89 -5.50 4.05
CA GLY A 521 -8.80 -6.95 4.06
C GLY A 521 -7.89 -7.56 3.03
N TRP A 522 -7.01 -6.78 2.40
N TRP A 522 -7.01 -6.79 2.42
CA TRP A 522 -6.02 -7.34 1.49
CA TRP A 522 -6.06 -7.35 1.47
C TRP A 522 -5.13 -8.33 2.22
C TRP A 522 -5.05 -8.24 2.19
N ALA A 523 -4.49 -9.19 1.45
CA ALA A 523 -3.52 -10.13 2.01
C ALA A 523 -2.39 -9.38 2.70
N ASN A 524 -2.12 -9.78 3.94
CA ASN A 524 -1.11 -9.20 4.82
C ASN A 524 -1.45 -7.80 5.31
N TRP A 525 -2.74 -7.43 5.32
CA TRP A 525 -3.14 -6.15 5.88
C TRP A 525 -4.12 -6.27 7.03
N TRP A 526 -4.52 -7.49 7.40
CA TRP A 526 -5.47 -7.66 8.50
C TRP A 526 -4.87 -7.21 9.82
N GLN A 527 -3.55 -7.22 9.95
CA GLN A 527 -2.91 -6.71 11.16
C GLN A 527 -2.89 -5.19 11.22
N THR A 528 -3.35 -4.49 10.18
CA THR A 528 -3.41 -3.04 10.20
C THR A 528 -4.79 -2.49 10.54
N GLY A 529 -5.78 -3.35 10.78
CA GLY A 529 -7.07 -2.86 11.21
C GLY A 529 -8.22 -3.83 11.09
N ALA A 530 -8.20 -4.67 10.05
CA ALA A 530 -9.36 -5.51 9.75
C ALA A 530 -9.63 -6.52 10.86
N LEU A 531 -8.59 -7.08 11.47
CA LEU A 531 -8.82 -7.99 12.58
C LEU A 531 -9.35 -7.25 13.79
N LYS A 532 -8.83 -6.04 14.05
CA LYS A 532 -9.38 -5.22 15.12
C LYS A 532 -10.88 -4.98 14.90
N ILE A 533 -11.28 -4.84 13.63
CA ILE A 533 -12.71 -4.72 13.32
C ILE A 533 -13.46 -5.94 13.82
N LEU A 534 -12.91 -7.14 13.60
CA LEU A 534 -13.56 -8.36 14.05
C LEU A 534 -13.72 -8.37 15.57
N PHE A 535 -12.74 -7.81 16.28
CA PHE A 535 -12.84 -7.74 17.73
C PHE A 535 -14.04 -6.92 18.18
N ASN A 536 -14.45 -5.94 17.39
CA ASN A 536 -15.40 -4.93 17.83
C ASN A 536 -16.78 -5.03 17.18
N LEU A 537 -16.95 -5.92 16.20
CA LEU A 537 -18.26 -6.07 15.57
C LEU A 537 -19.29 -6.58 16.58
N LYS A 538 -20.52 -6.08 16.47
CA LYS A 538 -21.62 -6.56 17.29
C LYS A 538 -22.71 -7.13 16.40
N PRO A 539 -23.36 -8.22 16.82
CA PRO A 539 -24.50 -8.74 16.05
C PRO A 539 -25.58 -7.70 15.87
N ALA A 540 -26.18 -7.69 14.68
CA ALA A 540 -27.33 -6.85 14.43
C ALA A 540 -28.54 -7.35 15.21
N LYS A 541 -29.53 -6.48 15.36
CA LYS A 541 -30.73 -6.80 16.13
C LYS A 541 -31.43 -8.05 15.60
CA CA B . 3.57 22.48 -34.54
#